data_5L1A
#
_entry.id   5L1A
#
_cell.length_a   41.154
_cell.length_b   44.657
_cell.length_c   54.136
_cell.angle_alpha   90.000
_cell.angle_beta   90.000
_cell.angle_gamma   90.000
#
_symmetry.space_group_name_H-M   'P 21 21 21'
#
loop_
_entity.id
_entity.type
_entity.pdbx_description
1 polymer 'Uncharacterized protein'
2 non-polymer '5-amino-2,4,6-triiodobenzene-1,3-dicarboxylic acid'
3 water water
#
_entity_poly.entity_id   1
_entity_poly.type   'polypeptide(L)'
_entity_poly.pdbx_seq_one_letter_code
;AMPSYNNARLLEKRLQNCDTQLNQFFNGQELSIKFLQQLNQIKYFYNSAFNKTENEDDGLEVVEEYENFISLVSQVKSGQ
INADKAFETIKDTTESRQADVIIANFFKVCE
;
_entity_poly.pdbx_strand_id   A
#
loop_
_chem_comp.id
_chem_comp.type
_chem_comp.name
_chem_comp.formula
I3C non-polymer '5-amino-2,4,6-triiodobenzene-1,3-dicarboxylic acid' 'C8 H4 I3 N O4'
#
# COMPACT_ATOMS: atom_id res chain seq x y z
N ALA A 1 12.80 13.10 -0.35
CA ALA A 1 12.72 11.65 -0.45
C ALA A 1 14.07 11.00 -0.17
N MET A 2 14.07 9.68 0.01
CA MET A 2 15.31 8.95 0.28
C MET A 2 16.08 8.65 -1.00
N PRO A 3 15.44 8.21 -2.09
CA PRO A 3 16.17 8.13 -3.36
C PRO A 3 16.62 9.51 -3.81
N SER A 4 17.73 9.54 -4.54
CA SER A 4 18.40 10.79 -4.88
C SER A 4 18.18 11.24 -6.32
N TYR A 5 17.35 10.54 -7.10
CA TYR A 5 17.12 10.99 -8.45
C TYR A 5 16.16 12.19 -8.45
N ASN A 6 16.20 12.95 -9.54
CA ASN A 6 15.39 14.15 -9.65
C ASN A 6 13.91 13.84 -9.44
N ASN A 7 13.22 14.73 -8.74
CA ASN A 7 11.78 14.73 -8.55
C ASN A 7 11.29 13.59 -7.65
N ALA A 8 12.19 12.87 -7.00
CA ALA A 8 11.76 11.87 -6.02
C ALA A 8 10.99 12.52 -4.87
N ARG A 9 11.33 13.77 -4.52
CA ARG A 9 10.63 14.46 -3.45
C ARG A 9 9.16 14.65 -3.78
N LEU A 10 8.85 14.97 -5.04
CA LEU A 10 7.45 15.10 -5.44
C LEU A 10 6.72 13.77 -5.32
N LEU A 11 7.39 12.68 -5.67
CA LEU A 11 6.79 11.36 -5.49
C LEU A 11 6.65 11.01 -4.02
N GLU A 12 7.56 11.51 -3.18
CA GLU A 12 7.47 11.26 -1.75
C GLU A 12 6.22 11.88 -1.14
N LYS A 13 5.83 13.05 -1.62
CA LYS A 13 4.62 13.70 -1.10
C LYS A 13 3.39 12.84 -1.30
N ARG A 14 3.37 12.02 -2.37
CA ARG A 14 2.24 11.13 -2.57
C ARG A 14 2.35 9.86 -1.73
N LEU A 15 3.57 9.44 -1.40
CA LEU A 15 3.74 8.35 -0.44
C LEU A 15 3.12 8.70 0.90
N GLN A 16 3.31 9.95 1.35
CA GLN A 16 2.83 10.37 2.66
C GLN A 16 1.31 10.52 2.69
N ASN A 17 0.70 10.93 1.58
CA ASN A 17 -0.76 10.96 1.52
C ASN A 17 -1.34 9.58 1.71
N CYS A 18 -0.73 8.56 1.09
CA CYS A 18 -1.18 7.19 1.28
C CYS A 18 -1.04 6.76 2.74
N ASP A 19 0.10 7.07 3.37
CA ASP A 19 0.29 6.72 4.77
C ASP A 19 -0.70 7.45 5.67
N THR A 20 -0.98 8.72 5.36
CA THR A 20 -1.95 9.48 6.14
C THR A 20 -3.36 8.96 5.91
N GLN A 21 -3.69 8.62 4.66
CA GLN A 21 -5.01 8.08 4.35
C GLN A 21 -5.25 6.76 5.07
N LEU A 22 -4.22 5.93 5.23
CA LEU A 22 -4.39 4.68 5.96
C LEU A 22 -4.69 4.96 7.43
N ASN A 23 -3.97 5.90 8.04
CA ASN A 23 -4.23 6.25 9.44
C ASN A 23 -5.66 6.76 9.62
N GLN A 24 -6.12 7.61 8.70
CA GLN A 24 -7.45 8.20 8.84
C GLN A 24 -8.55 7.15 8.65
N PHE A 25 -8.28 6.11 7.85
CA PHE A 25 -9.21 4.99 7.77
C PHE A 25 -9.49 4.39 9.14
N PHE A 26 -8.41 4.08 9.87
CA PHE A 26 -8.50 3.41 11.17
C PHE A 26 -8.10 4.41 12.24
N ASN A 27 -9.04 5.28 12.59
CA ASN A 27 -8.77 6.39 13.49
C ASN A 27 -9.94 6.66 14.42
N LEU A 31 -7.90 -0.03 18.71
CA LEU A 31 -7.56 -1.10 17.78
C LEU A 31 -6.66 -2.16 18.41
N SER A 32 -6.68 -3.34 17.81
CA SER A 32 -5.85 -4.43 18.27
C SER A 32 -4.38 -4.18 17.95
N ILE A 33 -3.50 -4.64 18.84
CA ILE A 33 -2.06 -4.53 18.58
C ILE A 33 -1.69 -5.31 17.33
N LYS A 34 -2.31 -6.48 17.13
CA LYS A 34 -2.01 -7.28 15.97
C LYS A 34 -2.36 -6.54 14.68
N PHE A 35 -3.51 -5.85 14.66
CA PHE A 35 -3.86 -5.06 13.48
C PHE A 35 -2.84 -3.96 13.22
N LEU A 36 -2.38 -3.29 14.29
CA LEU A 36 -1.40 -2.24 14.13
C LEU A 36 -0.06 -2.78 13.62
N GLN A 37 0.26 -4.04 13.94
CA GLN A 37 1.46 -4.64 13.37
C GLN A 37 1.28 -4.96 11.89
N GLN A 38 0.08 -5.39 11.51
CA GLN A 38 -0.20 -5.63 10.09
C GLN A 38 -0.28 -4.31 9.32
N LEU A 39 -0.86 -3.28 9.94
CA LEU A 39 -0.89 -1.97 9.32
C LEU A 39 0.52 -1.42 9.11
N ASN A 40 1.37 -1.53 10.13
CA ASN A 40 2.75 -1.07 10.00
C ASN A 40 3.53 -1.90 8.99
N GLN A 41 3.21 -3.19 8.88
CA GLN A 41 3.86 -4.04 7.88
C GLN A 41 3.52 -3.57 6.47
N ILE A 42 2.26 -3.20 6.24
CA ILE A 42 1.85 -2.72 4.92
C ILE A 42 2.58 -1.43 4.57
N LYS A 43 2.62 -0.48 5.51
CA LYS A 43 3.27 0.80 5.22
C LYS A 43 4.77 0.63 5.05
N TYR A 44 5.39 -0.27 5.82
CA TYR A 44 6.80 -0.57 5.61
C TYR A 44 7.04 -1.19 4.23
N PHE A 45 6.11 -2.02 3.74
CA PHE A 45 6.29 -2.67 2.45
C PHE A 45 6.36 -1.65 1.32
N TYR A 46 5.44 -0.68 1.29
CA TYR A 46 5.41 0.25 0.17
C TYR A 46 6.47 1.33 0.29
N ASN A 47 6.69 1.85 1.51
CA ASN A 47 7.74 2.84 1.71
C ASN A 47 9.12 2.27 1.42
N SER A 48 9.41 1.06 1.90
CA SER A 48 10.71 0.44 1.61
C SER A 48 10.88 0.16 0.13
N ALA A 49 9.78 -0.21 -0.56
CA ALA A 49 9.89 -0.49 -1.98
C ALA A 49 10.20 0.78 -2.78
N PHE A 50 9.65 1.91 -2.35
CA PHE A 50 9.93 3.16 -3.04
C PHE A 50 11.37 3.62 -2.79
N ASN A 51 11.86 3.46 -1.57
CA ASN A 51 13.22 3.87 -1.24
C ASN A 51 14.27 3.04 -1.95
N LYS A 52 13.92 1.86 -2.43
CA LYS A 52 14.86 1.05 -3.19
C LYS A 52 14.87 1.37 -4.68
N THR A 53 13.90 2.16 -5.15
CA THR A 53 13.88 2.54 -6.56
C THR A 53 15.09 3.42 -6.87
N GLU A 54 15.55 3.34 -8.11
CA GLU A 54 16.75 4.07 -8.53
C GLU A 54 16.50 4.98 -9.72
N ASN A 55 15.31 4.96 -10.30
CA ASN A 55 14.92 5.86 -11.38
C ASN A 55 13.47 6.26 -11.17
N GLU A 56 13.05 7.34 -11.84
CA GLU A 56 11.73 7.90 -11.58
C GLU A 56 10.61 6.99 -12.06
N ASP A 57 10.84 6.18 -13.10
CA ASP A 57 9.79 5.30 -13.59
C ASP A 57 9.45 4.23 -12.55
N ASP A 58 10.46 3.64 -11.92
CA ASP A 58 10.19 2.63 -10.89
C ASP A 58 9.56 3.25 -9.65
N GLY A 59 10.04 4.44 -9.24
CA GLY A 59 9.41 5.12 -8.13
C GLY A 59 7.96 5.47 -8.39
N LEU A 60 7.65 5.85 -9.64
CA LEU A 60 6.27 6.16 -9.98
C LEU A 60 5.39 4.91 -9.96
N GLU A 61 5.95 3.77 -10.35
CA GLU A 61 5.16 2.54 -10.37
C GLU A 61 4.82 2.08 -8.95
N VAL A 62 5.74 2.27 -8.01
CA VAL A 62 5.46 1.91 -6.62
C VAL A 62 4.44 2.85 -6.01
N VAL A 63 4.58 4.16 -6.28
CA VAL A 63 3.63 5.13 -5.75
C VAL A 63 2.23 4.86 -6.29
N GLU A 64 2.13 4.55 -7.59
CA GLU A 64 0.84 4.18 -8.16
C GLU A 64 0.30 2.89 -7.54
N GLU A 65 1.18 1.93 -7.27
CA GLU A 65 0.73 0.67 -6.68
C GLU A 65 0.20 0.89 -5.27
N TYR A 66 0.85 1.75 -4.49
CA TYR A 66 0.37 2.09 -3.16
C TYR A 66 -0.98 2.81 -3.23
N GLU A 67 -1.15 3.66 -4.24
CA GLU A 67 -2.40 4.41 -4.38
C GLU A 67 -3.56 3.48 -4.73
N ASN A 68 -3.33 2.54 -5.64
CA ASN A 68 -4.38 1.57 -5.96
C ASN A 68 -4.72 0.71 -4.75
N PHE A 69 -3.72 0.36 -3.95
CA PHE A 69 -3.98 -0.39 -2.73
C PHE A 69 -4.85 0.40 -1.77
N ILE A 70 -4.60 1.71 -1.65
CA ILE A 70 -5.41 2.55 -0.78
C ILE A 70 -6.86 2.57 -1.24
N SER A 71 -7.08 2.67 -2.56
CA SER A 71 -8.43 2.65 -3.10
C SER A 71 -9.13 1.34 -2.76
N LEU A 72 -8.41 0.22 -2.84
CA LEU A 72 -9.02 -1.07 -2.54
C LEU A 72 -9.38 -1.19 -1.06
N VAL A 73 -8.52 -0.66 -0.18
CA VAL A 73 -8.82 -0.70 1.25
C VAL A 73 -10.12 0.05 1.55
N SER A 74 -10.30 1.23 0.94
CA SER A 74 -11.51 1.99 1.18
C SER A 74 -12.74 1.23 0.70
N GLN A 75 -12.63 0.56 -0.45
CA GLN A 75 -13.77 -0.19 -0.98
C GLN A 75 -14.10 -1.38 -0.09
N VAL A 76 -13.08 -2.03 0.49
CA VAL A 76 -13.32 -3.16 1.38
C VAL A 76 -13.89 -2.69 2.72
N LYS A 77 -13.24 -1.70 3.33
CA LYS A 77 -13.65 -1.26 4.66
C LYS A 77 -15.05 -0.65 4.63
N SER A 78 -15.40 0.07 3.57
CA SER A 78 -16.73 0.65 3.47
C SER A 78 -17.78 -0.33 2.96
N GLY A 79 -17.39 -1.56 2.67
CA GLY A 79 -18.35 -2.58 2.29
C GLY A 79 -18.77 -2.57 0.84
N GLN A 80 -18.01 -1.91 -0.05
CA GLN A 80 -18.37 -1.90 -1.46
C GLN A 80 -18.04 -3.22 -2.14
N ILE A 81 -16.90 -3.83 -1.79
CA ILE A 81 -16.50 -5.12 -2.31
C ILE A 81 -15.96 -5.95 -1.15
N ASN A 82 -15.92 -7.27 -1.36
CA ASN A 82 -15.35 -8.14 -0.35
C ASN A 82 -13.86 -8.31 -0.58
N ALA A 83 -13.19 -8.96 0.38
CA ALA A 83 -11.74 -9.08 0.32
C ALA A 83 -11.28 -9.89 -0.88
N ASP A 84 -12.10 -10.84 -1.35
CA ASP A 84 -11.69 -11.62 -2.52
C ASP A 84 -11.65 -10.77 -3.78
N LYS A 85 -12.67 -9.93 -3.98
CA LYS A 85 -12.66 -9.01 -5.11
C LYS A 85 -11.40 -8.13 -5.08
N ALA A 86 -11.05 -7.61 -3.89
CA ALA A 86 -9.91 -6.73 -3.77
C ALA A 86 -8.60 -7.44 -4.10
N PHE A 87 -8.42 -8.65 -3.57
CA PHE A 87 -7.18 -9.39 -3.81
C PHE A 87 -7.06 -9.82 -5.26
N GLU A 88 -8.18 -10.20 -5.90
CA GLU A 88 -8.16 -10.51 -7.33
C GLU A 88 -7.62 -9.36 -8.15
N THR A 89 -7.85 -8.12 -7.70
CA THR A 89 -7.50 -6.95 -8.50
C THR A 89 -6.00 -6.80 -8.67
N ILE A 90 -5.20 -7.26 -7.70
CA ILE A 90 -3.76 -6.98 -7.70
C ILE A 90 -2.90 -8.23 -7.61
N LYS A 91 -3.50 -9.42 -7.55
CA LYS A 91 -2.68 -10.62 -7.35
C LYS A 91 -1.77 -10.92 -8.53
N ASP A 92 -2.23 -10.65 -9.75
CA ASP A 92 -1.43 -10.96 -10.94
C ASP A 92 -0.28 -9.99 -11.13
N THR A 93 -0.43 -8.75 -10.68
CA THR A 93 0.62 -7.74 -10.80
C THR A 93 1.51 -7.67 -9.57
N THR A 94 1.27 -8.52 -8.58
CA THR A 94 2.08 -8.60 -7.37
C THR A 94 3.00 -9.81 -7.51
N GLU A 95 4.30 -9.56 -7.66
CA GLU A 95 5.23 -10.63 -7.97
C GLU A 95 5.61 -11.41 -6.72
N SER A 96 6.00 -10.71 -5.66
CA SER A 96 6.41 -11.38 -4.43
C SER A 96 5.22 -12.10 -3.79
N ARG A 97 5.39 -13.39 -3.50
CA ARG A 97 4.32 -14.11 -2.83
C ARG A 97 4.17 -13.66 -1.38
N GLN A 98 5.26 -13.24 -0.74
CA GLN A 98 5.14 -12.67 0.60
C GLN A 98 4.27 -11.41 0.60
N ALA A 99 4.32 -10.63 -0.48
CA ALA A 99 3.44 -9.48 -0.58
C ALA A 99 2.00 -9.91 -0.82
N ASP A 100 1.79 -10.99 -1.59
CA ASP A 100 0.45 -11.54 -1.75
C ASP A 100 -0.18 -11.89 -0.39
N VAL A 101 0.62 -12.49 0.50
CA VAL A 101 0.09 -12.95 1.78
C VAL A 101 -0.33 -11.78 2.65
N ILE A 102 0.53 -10.78 2.79
CA ILE A 102 0.22 -9.66 3.69
C ILE A 102 -0.88 -8.79 3.11
N ILE A 103 -0.96 -8.66 1.79
CA ILE A 103 -1.98 -7.81 1.19
C ILE A 103 -3.34 -8.49 1.23
N ALA A 104 -3.38 -9.80 0.96
CA ALA A 104 -4.65 -10.52 1.06
C ALA A 104 -5.15 -10.57 2.50
N ASN A 105 -4.24 -10.79 3.45
CA ASN A 105 -4.64 -10.80 4.86
C ASN A 105 -5.17 -9.43 5.29
N PHE A 106 -4.54 -8.35 4.81
CA PHE A 106 -5.01 -7.03 5.22
C PHE A 106 -6.39 -6.72 4.65
N PHE A 107 -6.70 -7.20 3.44
CA PHE A 107 -8.03 -7.01 2.90
C PHE A 107 -9.09 -7.72 3.73
N LYS A 108 -8.82 -8.98 4.10
CA LYS A 108 -9.77 -9.72 4.92
C LYS A 108 -9.95 -9.13 6.30
N VAL A 109 -8.93 -8.42 6.81
CA VAL A 109 -9.05 -7.74 8.10
C VAL A 109 -10.06 -6.60 8.01
N CYS A 110 -9.97 -5.82 6.93
CA CYS A 110 -10.86 -4.67 6.76
C CYS A 110 -12.31 -5.10 6.61
N GLU A 111 -12.54 -6.30 6.09
CA GLU A 111 -13.89 -6.80 5.90
C GLU A 111 -14.47 -7.27 7.24
I3 I3C B . -0.39 -2.34 -15.35
I2 I3C B . -3.89 -3.21 -10.37
I1 I3C B . 2.21 -2.92 -9.79
O8 I3C B . 2.47 -1.36 -13.21
O9 I3C B . 2.61 -3.53 -13.43
C10 I3C B . -0.93 -3.23 -8.90
N13 I3C B . -3.03 -2.75 -13.46
C1 I3C B . 0.64 -2.66 -12.46
C6 I3C B . -0.58 -2.63 -13.29
C5 I3C B . -1.92 -2.78 -12.69
C4 I3C B . -2.02 -2.98 -11.24
C3 I3C B . -0.82 -3.02 -10.38
C2 I3C B . 0.51 -2.86 -11.00
C7 I3C B . 1.99 -2.50 -13.08
O11 I3C B . -1.15 -2.23 -8.18
O12 I3C B . -0.81 -4.38 -8.44
I3 I3C C . 6.60 -6.95 -19.96
I2 I3C C . 0.73 -8.05 -21.50
I1 I3C C . 2.14 -5.54 -15.98
O8 I3C C . 5.47 -4.65 -17.20
O9 I3C C . 5.58 -6.64 -16.32
C10 I3C C . 0.24 -6.74 -18.42
N13 I3C C . 3.97 -7.88 -21.65
C1 I3C C . 4.14 -6.35 -18.17
C6 I3C C . 4.58 -6.89 -19.48
C5 I3C C . 3.57 -7.39 -20.46
C4 I3C C . 2.12 -7.35 -20.11
C3 I3C C . 1.69 -6.80 -18.80
C2 I3C C . 2.70 -6.31 -17.84
C7 I3C C . 5.12 -5.85 -17.17
O11 I3C C . -0.32 -7.80 -18.08
O12 I3C C . -0.37 -5.66 -18.41
I3 I3C D . -2.50 -14.82 -0.69
I2 I3C D . -0.79 -19.91 2.32
I1 I3C D . -0.01 -19.46 -3.84
O8 I3C D . -0.37 -15.87 -3.66
O9 I3C D . -2.45 -16.52 -3.87
C10 I3C D . 0.10 -20.82 -0.78
N13 I3C D . -1.97 -16.94 1.72
C1 I3C D . -1.22 -17.30 -1.99
C6 I3C D . -1.68 -16.73 -0.71
C5 I3C D . -1.55 -17.49 0.55
C4 I3C D . -0.96 -18.85 0.53
C3 I3C D . -0.51 -19.45 -0.76
C2 I3C D . -0.63 -18.66 -2.01
C7 I3C D . -1.35 -16.51 -3.25
O11 I3C D . -0.48 -21.73 -1.42
O12 I3C D . 1.16 -21.02 -0.16
I3 I3C E . 5.52 -2.18 -8.05
I2 I3C E . 8.75 -4.72 -3.31
I1 I3C E . 9.34 -6.89 -9.03
O8 I3C E . 7.88 -3.88 -10.47
O9 I3C E . 6.16 -5.16 -10.07
C10 I3C E . 9.80 -6.57 -5.73
N13 I3C E . 6.66 -2.71 -4.97
C1 I3C E . 7.50 -4.54 -8.22
C6 I3C E . 6.87 -3.56 -7.28
C5 I3C E . 7.23 -3.59 -5.83
C4 I3C E . 8.21 -4.60 -5.33
C3 I3C E . 8.83 -5.57 -6.26
C2 I3C E . 8.46 -5.53 -7.70
C7 I3C E . 7.16 -4.52 -9.68
O11 I3C E . 9.35 -7.64 -5.25
O12 I3C E . 11.02 -6.33 -5.77
I3 I3C F . -19.80 -11.95 3.08
I2 I3C F . -19.38 -6.30 0.52
I1 I3C F . -20.34 -11.15 -3.06
O8 I3C F . -19.24 -13.49 -0.39
O9 I3C F . -21.37 -13.25 0.04
C10 I3C F . -19.87 -8.05 -2.18
N13 I3C F . -19.44 -8.70 2.79
C1 I3C F . -20.03 -11.29 0.06
C6 I3C F . -19.82 -10.71 1.40
C5 I3C F . -19.63 -9.23 1.56
C4 I3C F . -19.64 -8.36 0.36
C3 I3C F . -19.85 -8.94 -0.98
C2 I3C F . -20.05 -10.40 -1.14
C7 I3C F . -20.23 -12.77 -0.11
O11 I3C F . -20.92 -7.42 -2.45
O12 I3C F . -18.83 -7.94 -2.87
#